data_2FTW
#
_entry.id   2FTW
#
_cell.length_a   84.600
_cell.length_b   89.599
_cell.length_c   134.953
_cell.angle_alpha   90.00
_cell.angle_beta   90.00
_cell.angle_gamma   90.00
#
_symmetry.space_group_name_H-M   'I 2 2 2'
#
loop_
_entity.id
_entity.type
_entity.pdbx_description
1 polymer 'dihydropyrimidine amidohydrolase'
2 non-polymer 'ZINC ION'
3 non-polymer 'MALONATE ION'
4 water water
#
_entity_poly.entity_id   1
_entity_poly.type   'polypeptide(L)'
_entity_poly.pdbx_seq_one_letter_code
;MLRVDQTGTILIKNGTVVNDDRYFKSDVLVENGIIKEISKNIEPKEGIKVVDATDKLLLPGGIDTHTHFQLPFMGTVSVD
DFDIGTQAAVAGGTTFIIDFVIPTRGQSLLEAYDQWKKWADEKVNCDYSLHVAITWWSEQVSREMEILVKERGVNSF
(KCX)CFMAYKNSFMVTDQEMYHIFKRCKELGAIAQVHAENGDMVFEGQKKMLEMGITGPEGHELSRPEALEAEATNRAI
VIADSVCTPVYIVHVQSIGAADVICKHRKEGVRVYGEPIAAGLGVDGSHMWNHDWRHAAAFVMGPPIRPDPRTKGVLMDY
LARGDLDCVGTDNCTFCADQKAMGKDDFTKIPNGVNGVEDRMSIVWENGVNTGKLTWCQFVRATSSERARIFNIYPRKGR
IDVGCDGDIVIWDPNQSKTISKDTHHHAVDFNIFEGIKVTGIAVTTIVAGNIVWSDNKLSCVKGSGRFVPRPPFGPVFDG
IEQRDKVRNELLRKVDRKPYEDDNTKNSSKPGDDDDKHHHHHHHHSGD
;
_entity_poly.pdbx_strand_id   A
#
# COMPACT_ATOMS: atom_id res chain seq x y z
N THR A 7 29.32 -3.64 0.93
CA THR A 7 29.46 -5.05 1.40
C THR A 7 28.12 -5.75 1.55
N GLY A 8 27.10 -5.02 2.00
CA GLY A 8 25.86 -5.61 2.48
C GLY A 8 26.06 -6.40 3.76
N THR A 9 27.08 -6.04 4.55
CA THR A 9 27.38 -6.71 5.81
CA THR A 9 27.39 -6.71 5.81
C THR A 9 27.42 -5.69 6.94
N ILE A 10 26.63 -5.94 7.98
CA ILE A 10 26.52 -4.99 9.09
C ILE A 10 26.07 -5.73 10.36
N LEU A 11 26.49 -5.20 11.51
CA LEU A 11 26.14 -5.75 12.80
C LEU A 11 25.41 -4.70 13.63
N ILE A 12 24.17 -5.00 14.00
CA ILE A 12 23.36 -4.08 14.79
C ILE A 12 23.28 -4.58 16.23
N LYS A 13 23.75 -3.75 17.17
CA LYS A 13 23.86 -4.14 18.58
C LYS A 13 23.03 -3.31 19.53
N ASN A 14 22.61 -3.96 20.63
CA ASN A 14 22.01 -3.30 21.80
C ASN A 14 20.52 -2.93 21.66
N GLY A 15 19.89 -3.29 20.55
CA GLY A 15 18.47 -2.98 20.35
C GLY A 15 17.52 -4.14 20.62
N THR A 16 16.23 -3.86 20.45
CA THR A 16 15.17 -4.87 20.61
C THR A 16 14.62 -5.23 19.24
N VAL A 17 14.67 -6.51 18.92
CA VAL A 17 14.04 -7.01 17.70
C VAL A 17 12.51 -7.05 17.94
N VAL A 18 11.76 -6.58 16.95
CA VAL A 18 10.30 -6.62 17.01
C VAL A 18 9.78 -7.24 15.73
N ASN A 19 9.21 -8.43 15.90
CA ASN A 19 8.51 -9.10 14.83
C ASN A 19 7.03 -9.02 15.17
N ASP A 20 6.18 -9.57 14.32
CA ASP A 20 4.75 -9.46 14.62
C ASP A 20 4.26 -10.51 15.61
N ASP A 21 5.14 -11.44 16.04
CA ASP A 21 4.72 -12.48 17.00
C ASP A 21 5.21 -12.22 18.42
N ARG A 22 6.36 -11.55 18.54
CA ARG A 22 6.94 -11.21 19.83
C ARG A 22 8.04 -10.17 19.61
N TYR A 23 8.48 -9.53 20.69
CA TYR A 23 9.68 -8.68 20.66
C TYR A 23 10.69 -9.15 21.71
N PHE A 24 11.96 -8.90 21.45
CA PHE A 24 13.02 -9.40 22.36
C PHE A 24 14.33 -8.66 22.13
N LYS A 25 15.13 -8.54 23.18
CA LYS A 25 16.50 -8.02 23.08
C LYS A 25 17.40 -8.98 22.32
N SER A 26 17.99 -8.52 21.22
CA SER A 26 19.02 -9.29 20.52
C SER A 26 19.86 -8.45 19.55
N ASP A 27 21.12 -8.83 19.37
CA ASP A 27 21.94 -8.25 18.32
C ASP A 27 21.70 -9.02 17.02
N VAL A 28 21.79 -8.30 15.90
CA VAL A 28 21.54 -8.87 14.57
C VAL A 28 22.75 -8.66 13.66
N LEU A 29 23.23 -9.75 13.07
CA LEU A 29 24.30 -9.71 12.08
C LEU A 29 23.77 -9.98 10.67
N VAL A 30 24.14 -9.12 9.74
CA VAL A 30 23.78 -9.29 8.34
C VAL A 30 25.06 -9.52 7.58
N GLU A 31 25.07 -10.55 6.73
CA GLU A 31 26.19 -10.83 5.88
C GLU A 31 25.70 -11.03 4.44
N ASN A 32 26.49 -10.50 3.50
CA ASN A 32 26.14 -10.46 2.09
C ASN A 32 24.63 -10.21 1.85
N GLY A 33 24.05 -9.27 2.62
CA GLY A 33 22.63 -8.86 2.47
C GLY A 33 21.57 -9.75 3.10
N ILE A 34 21.99 -10.84 3.76
CA ILE A 34 21.08 -11.77 4.40
C ILE A 34 21.39 -11.79 5.88
N ILE A 35 20.37 -11.95 6.69
CA ILE A 35 20.58 -12.10 8.14
C ILE A 35 21.25 -13.44 8.42
N LYS A 36 22.39 -13.37 9.11
CA LYS A 36 23.23 -14.51 9.38
C LYS A 36 23.04 -15.07 10.81
N GLU A 37 22.96 -14.16 11.76
CA GLU A 37 22.87 -14.53 13.16
C GLU A 37 22.02 -13.54 13.95
N ILE A 38 21.20 -14.09 14.85
CA ILE A 38 20.46 -13.30 15.82
C ILE A 38 20.83 -13.88 17.17
N SER A 39 21.32 -13.04 18.06
CA SER A 39 21.83 -13.52 19.35
C SER A 39 21.96 -12.38 20.36
N LYS A 40 21.81 -12.72 21.63
CA LYS A 40 21.83 -11.70 22.69
C LYS A 40 23.13 -10.91 22.72
N ASN A 41 24.25 -11.54 22.36
CA ASN A 41 25.51 -10.83 22.29
C ASN A 41 26.40 -11.30 21.16
N ILE A 42 26.55 -10.47 20.14
CA ILE A 42 27.44 -10.81 19.02
C ILE A 42 28.66 -9.90 19.07
N GLU A 43 29.83 -10.51 19.20
CA GLU A 43 31.10 -9.78 19.22
C GLU A 43 31.37 -9.24 17.82
N PRO A 44 31.76 -7.95 17.73
CA PRO A 44 32.19 -7.44 16.44
C PRO A 44 33.58 -7.97 16.08
N LYS A 45 33.69 -8.56 14.89
CA LYS A 45 34.94 -9.10 14.40
C LYS A 45 35.81 -7.93 13.93
N GLU A 46 36.90 -8.23 13.24
CA GLU A 46 37.75 -7.17 12.69
C GLU A 46 37.07 -6.57 11.46
N GLY A 47 36.99 -5.24 11.43
CA GLY A 47 36.57 -4.52 10.25
C GLY A 47 35.08 -4.43 9.97
N ILE A 48 34.25 -5.12 10.76
CA ILE A 48 32.80 -5.12 10.52
C ILE A 48 32.15 -3.83 11.01
N LYS A 49 31.28 -3.25 10.19
CA LYS A 49 30.56 -2.04 10.58
CA LYS A 49 30.52 -2.05 10.54
C LYS A 49 29.56 -2.35 11.69
N VAL A 50 29.54 -1.50 12.71
CA VAL A 50 28.64 -1.69 13.83
C VAL A 50 27.71 -0.51 13.97
N VAL A 51 26.41 -0.80 14.11
CA VAL A 51 25.39 0.21 14.39
C VAL A 51 24.88 0.00 15.81
N ASP A 52 24.69 1.09 16.55
CA ASP A 52 24.15 1.02 17.90
C ASP A 52 22.63 1.24 17.86
N ALA A 53 21.88 0.32 18.44
CA ALA A 53 20.44 0.51 18.57
C ALA A 53 20.04 0.50 20.05
N THR A 54 20.95 0.96 20.92
CA THR A 54 20.62 1.15 22.34
C THR A 54 19.31 1.96 22.46
N ASP A 55 18.38 1.49 23.31
CA ASP A 55 17.05 2.09 23.49
C ASP A 55 16.16 2.17 22.22
N LYS A 56 16.56 1.47 21.16
CA LYS A 56 15.83 1.53 19.90
C LYS A 56 15.31 0.15 19.50
N LEU A 57 14.47 0.14 18.47
CA LEU A 57 13.81 -1.06 17.99
C LEU A 57 14.31 -1.41 16.61
N LEU A 58 14.47 -2.72 16.36
CA LEU A 58 14.78 -3.25 15.04
C LEU A 58 13.48 -3.81 14.46
N LEU A 59 12.94 -3.15 13.45
CA LEU A 59 11.74 -3.59 12.77
C LEU A 59 12.07 -4.09 11.38
N PRO A 60 11.30 -5.07 10.88
CA PRO A 60 11.45 -5.40 9.47
C PRO A 60 11.10 -4.17 8.66
N GLY A 61 11.84 -3.93 7.58
CA GLY A 61 11.54 -2.83 6.70
C GLY A 61 10.07 -2.77 6.36
N GLY A 62 9.53 -1.55 6.32
CA GLY A 62 8.16 -1.33 5.89
C GLY A 62 7.92 -1.81 4.46
N ILE A 63 6.71 -2.29 4.22
CA ILE A 63 6.28 -2.72 2.88
C ILE A 63 5.08 -1.86 2.54
N ASP A 64 5.20 -1.09 1.46
CA ASP A 64 4.10 -0.27 0.98
C ASP A 64 3.45 -0.95 -0.20
N THR A 65 2.23 -1.42 0.00
CA THR A 65 1.54 -2.24 -1.00
C THR A 65 0.92 -1.46 -2.13
N HIS A 66 0.92 -0.13 -2.01
CA HIS A 66 0.15 0.70 -2.91
C HIS A 66 0.84 2.02 -3.26
N THR A 67 1.66 1.97 -4.32
CA THR A 67 2.38 3.13 -4.84
C THR A 67 2.09 3.39 -6.34
N HIS A 68 2.22 4.66 -6.73
CA HIS A 68 2.01 5.09 -8.10
C HIS A 68 3.09 6.08 -8.52
N PHE A 69 4.34 5.66 -8.42
CA PHE A 69 5.46 6.52 -8.79
C PHE A 69 5.47 6.75 -10.28
N GLN A 70 5.59 8.02 -10.70
CA GLN A 70 5.88 8.29 -12.10
C GLN A 70 4.70 7.93 -13.01
N LEU A 71 3.49 7.95 -12.44
CA LEU A 71 2.27 7.53 -13.13
C LEU A 71 1.92 8.49 -14.25
N PRO A 72 1.81 7.98 -15.50
CA PRO A 72 1.35 8.85 -16.55
C PRO A 72 -0.11 9.25 -16.33
N PHE A 73 -0.41 10.53 -16.45
CA PHE A 73 -1.79 10.98 -16.35
C PHE A 73 -2.07 12.20 -17.22
N MET A 74 -2.91 12.03 -18.22
CA MET A 74 -3.33 13.16 -19.07
C MET A 74 -2.12 13.88 -19.67
N GLY A 75 -1.17 13.11 -20.19
CA GLY A 75 0.08 13.66 -20.74
C GLY A 75 1.17 14.03 -19.73
N THR A 76 0.79 14.37 -18.50
CA THR A 76 1.76 14.66 -17.44
C THR A 76 2.04 13.41 -16.61
N VAL A 77 2.95 13.56 -15.64
CA VAL A 77 3.39 12.45 -14.84
C VAL A 77 3.44 12.85 -13.37
N SER A 78 3.20 11.87 -12.52
CA SER A 78 3.40 12.03 -11.08
C SER A 78 4.80 12.50 -10.76
N VAL A 79 4.93 13.44 -9.83
CA VAL A 79 6.20 14.11 -9.59
C VAL A 79 7.19 13.19 -8.87
N ASP A 80 6.70 12.41 -7.91
CA ASP A 80 7.49 11.39 -7.25
C ASP A 80 7.69 10.23 -8.22
N ASP A 81 8.95 10.01 -8.62
CA ASP A 81 9.29 8.90 -9.51
C ASP A 81 9.97 7.76 -8.73
N PHE A 82 10.50 6.77 -9.45
CA PHE A 82 11.06 5.57 -8.81
C PHE A 82 12.35 5.78 -8.04
N ASP A 83 13.08 6.85 -8.36
CA ASP A 83 14.30 7.17 -7.66
C ASP A 83 14.01 8.01 -6.39
N ILE A 84 13.53 9.23 -6.59
CA ILE A 84 13.15 10.15 -5.51
CA ILE A 84 13.29 10.06 -5.43
C ILE A 84 12.14 9.51 -4.58
N GLY A 85 11.20 8.77 -5.20
CA GLY A 85 10.16 8.07 -4.46
C GLY A 85 10.69 7.04 -3.48
N THR A 86 11.63 6.21 -3.92
CA THR A 86 12.24 5.20 -3.03
C THR A 86 13.21 5.83 -2.01
N GLN A 87 13.75 7.00 -2.32
CA GLN A 87 14.53 7.76 -1.33
C GLN A 87 13.65 8.19 -0.19
N ALA A 88 12.49 8.75 -0.52
CA ALA A 88 11.49 9.14 0.47
C ALA A 88 11.02 7.94 1.28
N ALA A 89 10.81 6.81 0.62
CA ALA A 89 10.38 5.60 1.30
C ALA A 89 11.33 5.25 2.45
N VAL A 90 12.63 5.10 2.13
CA VAL A 90 13.61 4.67 3.13
C VAL A 90 13.89 5.69 4.25
N ALA A 91 13.75 6.97 3.92
CA ALA A 91 13.80 8.02 4.93
C ALA A 91 12.68 7.88 5.95
N GLY A 92 11.62 7.17 5.58
CA GLY A 92 10.49 6.88 6.46
C GLY A 92 10.39 5.45 6.99
N GLY A 93 11.38 4.61 6.71
CA GLY A 93 11.41 3.24 7.23
C GLY A 93 10.85 2.15 6.33
N THR A 94 10.51 2.53 5.09
CA THR A 94 9.89 1.62 4.13
C THR A 94 10.97 1.19 3.14
N THR A 95 11.18 -0.12 3.05
CA THR A 95 12.23 -0.69 2.22
C THR A 95 11.72 -1.57 1.06
N PHE A 96 10.42 -1.57 0.82
CA PHE A 96 9.82 -2.37 -0.24
C PHE A 96 8.53 -1.71 -0.68
N ILE A 97 8.41 -1.45 -1.97
CA ILE A 97 7.20 -0.87 -2.53
C ILE A 97 6.64 -1.81 -3.56
N ILE A 98 5.31 -1.87 -3.64
CA ILE A 98 4.66 -2.55 -4.75
C ILE A 98 3.85 -1.51 -5.51
N ASP A 99 4.21 -1.36 -6.79
CA ASP A 99 3.65 -0.34 -7.67
C ASP A 99 2.70 -1.03 -8.64
N PHE A 100 1.83 -0.23 -9.25
CA PHE A 100 0.82 -0.72 -10.18
C PHE A 100 1.19 -0.42 -11.64
N VAL A 101 1.23 -1.46 -12.46
CA VAL A 101 1.28 -1.31 -13.90
C VAL A 101 -0.13 -0.98 -14.37
N ILE A 102 -0.25 0.08 -15.16
CA ILE A 102 -1.56 0.54 -15.61
C ILE A 102 -1.60 0.68 -17.13
N PRO A 103 -2.04 -0.39 -17.82
CA PRO A 103 -2.20 -0.34 -19.27
C PRO A 103 -3.25 0.68 -19.69
N THR A 104 -3.02 1.31 -20.83
CA THR A 104 -4.09 2.05 -21.47
C THR A 104 -5.06 1.04 -22.06
N ARG A 105 -6.29 1.48 -22.28
CA ARG A 105 -7.30 0.59 -22.85
C ARG A 105 -6.85 0.10 -24.22
N GLY A 106 -6.98 -1.19 -24.45
CA GLY A 106 -6.53 -1.80 -25.68
C GLY A 106 -5.03 -2.05 -25.75
N GLN A 107 -4.27 -1.59 -24.75
CA GLN A 107 -2.83 -1.88 -24.69
C GLN A 107 -2.53 -3.25 -24.06
N SER A 108 -1.57 -3.98 -24.65
CA SER A 108 -1.05 -5.23 -24.07
C SER A 108 -0.51 -5.04 -22.65
N LEU A 109 -0.86 -5.97 -21.75
CA LEU A 109 -0.38 -5.93 -20.36
C LEU A 109 1.12 -6.16 -20.28
N LEU A 110 1.61 -7.05 -21.14
CA LEU A 110 3.02 -7.39 -21.19
C LEU A 110 3.88 -6.21 -21.63
N GLU A 111 3.42 -5.47 -22.62
CA GLU A 111 4.10 -4.27 -23.08
C GLU A 111 4.07 -3.17 -22.02
N ALA A 112 2.95 -3.08 -21.30
CA ALA A 112 2.80 -2.12 -20.21
C ALA A 112 3.68 -2.54 -19.03
N TYR A 113 3.66 -3.82 -18.69
CA TYR A 113 4.58 -4.39 -17.71
C TYR A 113 6.04 -4.10 -18.06
N ASP A 114 6.42 -4.28 -19.33
CA ASP A 114 7.80 -4.06 -19.76
C ASP A 114 8.19 -2.61 -19.55
N GLN A 115 7.26 -1.70 -19.82
CA GLN A 115 7.55 -0.28 -19.66
C GLN A 115 7.82 0.00 -18.19
N TRP A 116 6.95 -0.50 -17.31
CA TRP A 116 7.04 -0.22 -15.88
C TRP A 116 8.35 -0.72 -15.29
N LYS A 117 8.69 -1.97 -15.58
CA LYS A 117 9.91 -2.59 -15.05
C LYS A 117 11.18 -1.89 -15.52
N LYS A 118 11.15 -1.32 -16.72
CA LYS A 118 12.29 -0.58 -17.26
C LYS A 118 12.48 0.74 -16.50
N TRP A 119 11.39 1.47 -16.26
CA TRP A 119 11.43 2.70 -15.46
C TRP A 119 12.00 2.49 -14.06
N ALA A 120 11.60 1.39 -13.43
CA ALA A 120 11.98 1.06 -12.07
C ALA A 120 13.41 0.54 -11.96
N ASP A 121 13.74 -0.46 -12.78
CA ASP A 121 15.05 -1.12 -12.67
C ASP A 121 16.19 -0.13 -12.69
N GLU A 122 16.03 0.92 -13.47
CA GLU A 122 17.03 1.97 -13.59
C GLU A 122 17.14 2.91 -12.37
N LYS A 123 16.10 2.96 -11.53
CA LYS A 123 15.94 4.04 -10.56
C LYS A 123 15.84 3.67 -9.08
N VAL A 124 15.32 2.48 -8.79
CA VAL A 124 14.96 2.12 -7.41
C VAL A 124 16.15 2.01 -6.46
N ASN A 125 15.97 2.55 -5.26
CA ASN A 125 16.99 2.53 -4.19
C ASN A 125 16.75 1.42 -3.18
N CYS A 126 15.68 0.66 -3.38
CA CYS A 126 15.29 -0.46 -2.52
C CYS A 126 14.54 -1.46 -3.39
N ASP A 127 14.31 -2.66 -2.87
CA ASP A 127 13.63 -3.70 -3.65
C ASP A 127 12.17 -3.31 -3.95
N TYR A 128 11.64 -3.84 -5.03
CA TYR A 128 10.27 -3.58 -5.42
C TYR A 128 9.61 -4.77 -6.14
N SER A 129 8.31 -4.65 -6.35
CA SER A 129 7.61 -5.57 -7.25
C SER A 129 6.40 -4.83 -7.84
N LEU A 130 5.59 -5.54 -8.64
CA LEU A 130 4.54 -4.90 -9.45
C LEU A 130 3.21 -5.67 -9.49
N HIS A 131 2.10 -4.96 -9.24
CA HIS A 131 0.75 -5.46 -9.57
C HIS A 131 0.37 -5.01 -10.98
N VAL A 132 -0.59 -5.70 -11.58
CA VAL A 132 -1.03 -5.33 -12.93
C VAL A 132 -2.53 -5.02 -12.89
N ALA A 133 -2.88 -3.81 -13.31
CA ALA A 133 -4.28 -3.42 -13.39
C ALA A 133 -4.90 -3.94 -14.68
N ILE A 134 -6.14 -4.41 -14.57
CA ILE A 134 -6.92 -4.89 -15.71
C ILE A 134 -7.90 -3.80 -16.13
N THR A 135 -7.40 -2.91 -16.97
CA THR A 135 -8.12 -1.69 -17.37
C THR A 135 -9.11 -1.95 -18.50
N TRP A 136 -8.95 -3.07 -19.19
CA TRP A 136 -9.89 -3.53 -20.22
C TRP A 136 -9.83 -5.07 -20.22
N TRP A 137 -10.89 -5.71 -20.70
CA TRP A 137 -11.04 -7.14 -20.61
C TRP A 137 -11.28 -7.73 -22.01
N SER A 138 -10.60 -8.84 -22.30
CA SER A 138 -10.73 -9.56 -23.57
C SER A 138 -10.04 -10.94 -23.43
N GLU A 139 -10.18 -11.78 -24.45
CA GLU A 139 -9.52 -13.10 -24.48
C GLU A 139 -8.01 -12.96 -24.34
N GLN A 140 -7.41 -12.05 -25.11
CA GLN A 140 -5.96 -11.85 -25.08
C GLN A 140 -5.46 -11.39 -23.72
N VAL A 141 -6.21 -10.52 -23.07
CA VAL A 141 -5.89 -10.05 -21.71
C VAL A 141 -5.83 -11.27 -20.80
N SER A 142 -6.92 -12.05 -20.82
CA SER A 142 -6.99 -13.30 -20.05
C SER A 142 -5.73 -14.16 -20.28
N ARG A 143 -5.32 -14.27 -21.53
CA ARG A 143 -4.15 -15.04 -21.90
C ARG A 143 -2.83 -14.43 -21.41
N GLU A 144 -2.70 -13.10 -21.42
CA GLU A 144 -1.45 -12.46 -20.96
C GLU A 144 -1.27 -12.52 -19.44
N MET A 145 -2.39 -12.62 -18.71
CA MET A 145 -2.37 -12.81 -17.25
C MET A 145 -1.60 -14.07 -16.87
N GLU A 146 -1.76 -15.12 -17.65
CA GLU A 146 -1.06 -16.39 -17.41
C GLU A 146 0.46 -16.23 -17.57
N ILE A 147 0.90 -15.46 -18.56
CA ILE A 147 2.32 -15.25 -18.78
C ILE A 147 2.90 -14.42 -17.64
N LEU A 148 2.19 -13.37 -17.24
CA LEU A 148 2.61 -12.54 -16.14
C LEU A 148 2.84 -13.38 -14.88
N VAL A 149 1.88 -14.22 -14.54
CA VAL A 149 1.94 -15.02 -13.32
C VAL A 149 3.04 -16.08 -13.40
N LYS A 150 3.17 -16.73 -14.56
CA LYS A 150 4.07 -17.87 -14.71
C LYS A 150 5.51 -17.43 -14.94
N GLU A 151 5.68 -16.35 -15.72
CA GLU A 151 7.00 -15.91 -16.17
C GLU A 151 7.48 -14.60 -15.55
N ARG A 152 6.56 -13.69 -15.22
CA ARG A 152 6.93 -12.32 -14.84
C ARG A 152 6.74 -12.00 -13.36
N GLY A 153 6.61 -13.02 -12.53
CA GLY A 153 6.62 -12.82 -11.07
C GLY A 153 5.48 -12.01 -10.44
N VAL A 154 4.31 -12.07 -11.06
CA VAL A 154 3.13 -11.33 -10.63
C VAL A 154 2.13 -12.30 -10.02
N ASN A 155 1.51 -11.92 -8.90
CA ASN A 155 0.44 -12.73 -8.32
C ASN A 155 -0.73 -11.88 -7.82
N SER A 156 -0.90 -10.69 -8.41
CA SER A 156 -1.97 -9.79 -8.03
C SER A 156 -2.40 -8.93 -9.20
N PHE A 157 -3.71 -8.89 -9.41
CA PHE A 157 -4.33 -8.13 -10.48
C PHE A 157 -5.43 -7.23 -9.92
N CYS A 159 -8.83 -4.76 -10.69
CA CYS A 159 -9.87 -4.16 -11.55
C CYS A 159 -10.58 -2.97 -10.89
N PHE A 160 -11.19 -2.13 -11.73
CA PHE A 160 -11.88 -0.91 -11.31
C PHE A 160 -13.40 -1.01 -11.44
N MET A 161 -14.09 -0.67 -10.35
CA MET A 161 -15.55 -0.50 -10.39
C MET A 161 -15.95 0.96 -10.65
N ALA A 162 -15.00 1.88 -10.48
CA ALA A 162 -15.20 3.28 -10.79
C ALA A 162 -14.68 3.59 -12.20
N TYR A 163 -14.65 4.88 -12.55
CA TYR A 163 -14.12 5.37 -13.84
C TYR A 163 -14.94 4.86 -15.02
N LYS A 164 -16.20 5.28 -15.06
CA LYS A 164 -17.07 5.00 -16.18
C LYS A 164 -16.47 5.60 -17.45
N ASN A 165 -16.75 4.94 -18.57
CA ASN A 165 -16.18 5.34 -19.86
C ASN A 165 -14.65 5.21 -19.97
N SER A 166 -14.00 4.58 -19.00
CA SER A 166 -12.59 4.21 -19.14
C SER A 166 -12.27 2.83 -18.58
N PHE A 167 -11.82 2.73 -17.33
CA PHE A 167 -11.39 1.44 -16.76
C PHE A 167 -12.52 0.59 -16.21
N MET A 168 -13.69 1.18 -15.97
CA MET A 168 -14.77 0.48 -15.27
C MET A 168 -15.07 -0.88 -15.90
N VAL A 169 -15.28 -1.88 -15.05
CA VAL A 169 -15.75 -3.20 -15.49
C VAL A 169 -17.15 -3.45 -14.92
N THR A 170 -17.92 -4.29 -15.62
CA THR A 170 -19.26 -4.66 -15.21
C THR A 170 -19.21 -5.87 -14.29
N ASP A 171 -20.36 -6.26 -13.74
CA ASP A 171 -20.45 -7.41 -12.86
C ASP A 171 -20.04 -8.70 -13.57
N GLN A 172 -20.36 -8.77 -14.84
CA GLN A 172 -20.15 -9.97 -15.64
C GLN A 172 -18.67 -10.13 -15.95
N GLU A 173 -18.02 -9.01 -16.26
CA GLU A 173 -16.59 -8.98 -16.49
C GLU A 173 -15.83 -9.30 -15.21
N MET A 174 -16.20 -8.62 -14.12
CA MET A 174 -15.56 -8.83 -12.82
C MET A 174 -15.66 -10.31 -12.41
N TYR A 175 -16.83 -10.91 -12.62
CA TYR A 175 -17.00 -12.33 -12.36
C TYR A 175 -15.92 -13.17 -13.06
N HIS A 176 -15.77 -13.00 -14.38
CA HIS A 176 -14.79 -13.74 -15.17
C HIS A 176 -13.31 -13.42 -14.89
N ILE A 177 -13.04 -12.17 -14.53
CA ILE A 177 -11.69 -11.76 -14.10
C ILE A 177 -11.26 -12.47 -12.80
N PHE A 178 -12.21 -12.59 -11.86
CA PHE A 178 -11.98 -13.28 -10.61
C PHE A 178 -11.80 -14.80 -10.80
N LYS A 179 -12.55 -15.38 -11.72
CA LYS A 179 -12.38 -16.82 -12.05
C LYS A 179 -11.00 -17.07 -12.63
N ARG A 180 -10.51 -16.11 -13.40
CA ARG A 180 -9.19 -16.22 -14.04
C ARG A 180 -8.11 -16.06 -12.98
N CYS A 181 -8.31 -15.11 -12.09
CA CYS A 181 -7.44 -14.98 -10.93
C CYS A 181 -7.37 -16.27 -10.12
N LYS A 182 -8.54 -16.85 -9.85
CA LYS A 182 -8.63 -18.10 -9.10
CA LYS A 182 -8.61 -18.08 -9.09
C LYS A 182 -7.78 -19.17 -9.77
N GLU A 183 -7.97 -19.34 -11.07
CA GLU A 183 -7.31 -20.36 -11.88
C GLU A 183 -5.79 -20.20 -11.87
N LEU A 184 -5.32 -18.95 -11.84
CA LEU A 184 -3.89 -18.67 -11.89
C LEU A 184 -3.25 -18.53 -10.52
N GLY A 185 -4.04 -18.61 -9.46
CA GLY A 185 -3.52 -18.43 -8.12
C GLY A 185 -3.08 -17.00 -7.82
N ALA A 186 -3.79 -16.03 -8.38
CA ALA A 186 -3.52 -14.62 -8.09
C ALA A 186 -4.60 -14.04 -7.18
N ILE A 187 -4.21 -13.12 -6.30
CA ILE A 187 -5.19 -12.33 -5.57
C ILE A 187 -5.83 -11.28 -6.50
N ALA A 188 -7.11 -11.06 -6.28
CA ALA A 188 -7.91 -10.10 -7.04
C ALA A 188 -8.09 -8.82 -6.22
N GLN A 189 -7.46 -7.74 -6.69
CA GLN A 189 -7.62 -6.42 -6.07
C GLN A 189 -8.77 -5.62 -6.69
N VAL A 190 -9.41 -4.76 -5.91
CA VAL A 190 -10.57 -4.01 -6.39
C VAL A 190 -10.53 -2.53 -5.93
N HIS A 191 -10.59 -1.60 -6.88
CA HIS A 191 -10.94 -0.19 -6.56
C HIS A 191 -12.46 -0.15 -6.51
N ALA A 192 -13.01 -0.10 -5.30
CA ALA A 192 -14.45 -0.32 -5.07
C ALA A 192 -15.26 0.97 -4.77
N GLU A 193 -15.73 1.63 -5.84
CA GLU A 193 -16.77 2.67 -5.78
C GLU A 193 -17.77 2.39 -6.89
N ASN A 194 -19.05 2.69 -6.65
CA ASN A 194 -20.05 2.56 -7.71
C ASN A 194 -19.83 3.61 -8.81
N GLY A 195 -19.24 3.18 -9.92
CA GLY A 195 -18.87 4.07 -11.04
C GLY A 195 -20.01 4.85 -11.68
N ASP A 196 -21.14 4.20 -11.91
CA ASP A 196 -22.31 4.88 -12.47
C ASP A 196 -22.83 6.01 -11.60
N MET A 197 -22.83 5.79 -10.29
CA MET A 197 -23.27 6.82 -9.36
C MET A 197 -22.23 7.94 -9.16
N VAL A 198 -20.95 7.61 -9.25
CA VAL A 198 -19.86 8.61 -9.17
C VAL A 198 -19.96 9.56 -10.36
N PHE A 199 -20.33 9.00 -11.51
CA PHE A 199 -20.53 9.75 -12.76
C PHE A 199 -21.76 10.67 -12.70
N GLU A 200 -22.87 10.15 -12.18
CA GLU A 200 -24.07 10.99 -12.01
C GLU A 200 -23.89 12.07 -10.95
N GLY A 201 -23.10 11.78 -9.90
CA GLY A 201 -22.83 12.73 -8.84
C GLY A 201 -21.88 13.84 -9.28
N GLN A 202 -20.92 13.51 -10.14
CA GLN A 202 -20.03 14.52 -10.73
C GLN A 202 -20.82 15.47 -11.62
N LYS A 203 -21.69 14.92 -12.46
CA LYS A 203 -22.63 15.70 -13.29
C LYS A 203 -23.52 16.63 -12.46
N LYS A 204 -24.06 16.09 -11.37
CA LYS A 204 -24.92 16.86 -10.47
C LYS A 204 -24.19 18.01 -9.78
N MET A 205 -23.00 17.73 -9.24
CA MET A 205 -22.28 18.75 -8.47
C MET A 205 -21.89 19.91 -9.37
N LEU A 206 -21.31 19.61 -10.54
CA LEU A 206 -20.91 20.63 -11.51
C LEU A 206 -22.10 21.43 -12.03
N GLU A 207 -23.23 20.77 -12.32
CA GLU A 207 -24.50 21.43 -12.69
C GLU A 207 -25.05 22.39 -11.64
N MET A 208 -24.75 22.14 -10.36
CA MET A 208 -25.14 23.03 -9.26
C MET A 208 -24.15 24.19 -9.09
N GLY A 209 -23.07 24.19 -9.88
CA GLY A 209 -22.02 25.20 -9.76
C GLY A 209 -20.99 24.96 -8.65
N ILE A 210 -20.99 23.75 -8.10
CA ILE A 210 -20.05 23.39 -7.02
C ILE A 210 -18.78 22.82 -7.66
N THR A 211 -17.89 23.73 -8.06
CA THR A 211 -16.73 23.41 -8.90
C THR A 211 -15.47 23.12 -8.11
N GLY A 212 -15.42 23.58 -6.86
CA GLY A 212 -14.24 23.45 -6.01
C GLY A 212 -14.00 22.01 -5.58
N PRO A 213 -12.87 21.76 -4.90
CA PRO A 213 -12.52 20.42 -4.40
C PRO A 213 -13.57 19.76 -3.51
N GLU A 214 -14.27 20.55 -2.71
CA GLU A 214 -15.37 20.04 -1.87
C GLU A 214 -16.44 19.32 -2.69
N GLY A 215 -16.60 19.73 -3.96
CA GLY A 215 -17.44 19.07 -4.92
C GLY A 215 -17.04 17.64 -5.15
N HIS A 216 -15.75 17.37 -5.04
CA HIS A 216 -15.23 16.01 -5.11
C HIS A 216 -15.86 15.05 -4.08
N GLU A 217 -15.79 15.38 -2.79
CA GLU A 217 -16.43 14.55 -1.76
C GLU A 217 -17.94 14.45 -1.96
N LEU A 218 -18.58 15.58 -2.24
CA LEU A 218 -20.03 15.61 -2.38
C LEU A 218 -20.50 14.79 -3.59
N SER A 219 -19.66 14.72 -4.62
CA SER A 219 -19.96 13.91 -5.80
C SER A 219 -19.94 12.41 -5.50
N ARG A 220 -19.29 12.01 -4.40
CA ARG A 220 -18.99 10.59 -4.14
C ARG A 220 -19.00 10.24 -2.67
N PRO A 221 -20.14 10.39 -1.98
CA PRO A 221 -20.09 10.06 -0.56
C PRO A 221 -19.79 8.57 -0.30
N GLU A 222 -19.49 8.24 0.97
CA GLU A 222 -18.91 6.94 1.33
C GLU A 222 -19.82 5.74 1.05
N ALA A 223 -21.13 5.95 0.98
CA ALA A 223 -22.08 4.84 0.68
C ALA A 223 -21.87 4.21 -0.72
N LEU A 224 -21.26 4.96 -1.64
CA LEU A 224 -20.95 4.42 -2.96
C LEU A 224 -19.71 3.51 -2.91
N GLU A 225 -18.85 3.76 -1.93
CA GLU A 225 -17.66 2.94 -1.71
C GLU A 225 -18.07 1.66 -1.00
N ALA A 226 -18.98 1.79 -0.04
CA ALA A 226 -19.47 0.65 0.75
C ALA A 226 -20.31 -0.30 -0.06
N GLU A 227 -21.11 0.25 -0.95
CA GLU A 227 -21.93 -0.57 -1.84
C GLU A 227 -21.06 -1.41 -2.78
N ALA A 228 -20.12 -0.74 -3.46
CA ALA A 228 -19.20 -1.40 -4.39
C ALA A 228 -18.28 -2.41 -3.70
N THR A 229 -17.88 -2.11 -2.47
CA THR A 229 -17.08 -3.02 -1.68
C THR A 229 -17.94 -4.28 -1.45
N ASN A 230 -19.16 -4.07 -1.01
CA ASN A 230 -20.09 -5.17 -0.78
C ASN A 230 -20.26 -6.08 -1.99
N ARG A 231 -20.43 -5.49 -3.17
CA ARG A 231 -20.71 -6.23 -4.40
C ARG A 231 -19.50 -7.06 -4.84
N ALA A 232 -18.32 -6.44 -4.80
CA ALA A 232 -17.07 -7.11 -5.14
C ALA A 232 -16.75 -8.32 -4.25
N ILE A 233 -17.06 -8.23 -2.95
CA ILE A 233 -16.90 -9.36 -2.06
C ILE A 233 -17.95 -10.48 -2.35
N VAL A 234 -19.18 -10.10 -2.64
CA VAL A 234 -20.23 -11.10 -2.92
C VAL A 234 -19.90 -11.92 -4.16
N ILE A 235 -19.41 -11.24 -5.20
CA ILE A 235 -18.98 -11.90 -6.44
C ILE A 235 -17.76 -12.78 -6.18
N ALA A 236 -16.80 -12.25 -5.45
CA ALA A 236 -15.60 -13.02 -5.11
C ALA A 236 -15.89 -14.25 -4.26
N ASP A 237 -16.79 -14.10 -3.29
CA ASP A 237 -17.17 -15.24 -2.47
C ASP A 237 -17.88 -16.33 -3.29
N SER A 238 -18.66 -15.94 -4.30
CA SER A 238 -19.34 -16.90 -5.17
CA SER A 238 -19.34 -16.88 -5.19
C SER A 238 -18.35 -17.72 -6.00
N VAL A 239 -17.37 -17.03 -6.57
CA VAL A 239 -16.26 -17.68 -7.31
C VAL A 239 -15.39 -18.52 -6.36
N CYS A 240 -15.33 -18.11 -5.09
CA CYS A 240 -14.50 -18.75 -4.06
C CYS A 240 -13.00 -18.53 -4.30
N THR A 241 -12.59 -17.26 -4.21
CA THR A 241 -11.20 -16.88 -4.46
C THR A 241 -10.89 -15.64 -3.62
N PRO A 242 -9.64 -15.45 -3.20
CA PRO A 242 -9.31 -14.27 -2.37
C PRO A 242 -9.45 -12.92 -3.06
N VAL A 243 -10.14 -11.98 -2.41
CA VAL A 243 -10.27 -10.61 -2.89
C VAL A 243 -9.62 -9.60 -1.90
N TYR A 244 -9.14 -8.47 -2.42
CA TYR A 244 -8.34 -7.49 -1.64
C TYR A 244 -8.84 -6.09 -1.96
N ILE A 245 -9.40 -5.41 -0.96
CA ILE A 245 -9.96 -4.09 -1.16
C ILE A 245 -8.90 -2.99 -0.91
N VAL A 246 -8.48 -2.32 -1.97
CA VAL A 246 -7.44 -1.30 -1.91
C VAL A 246 -8.03 0.02 -1.42
N HIS A 247 -7.16 0.87 -0.87
CA HIS A 247 -7.57 2.14 -0.23
C HIS A 247 -8.99 2.17 0.34
N VAL A 248 -9.20 1.38 1.38
CA VAL A 248 -10.44 1.43 2.16
C VAL A 248 -10.40 2.74 2.95
N GLN A 249 -11.23 3.72 2.54
CA GLN A 249 -11.15 5.09 3.06
C GLN A 249 -12.27 5.42 4.06
N SER A 250 -13.28 4.54 4.17
CA SER A 250 -14.49 4.87 4.93
C SER A 250 -14.93 3.84 5.98
N ILE A 251 -15.65 4.33 6.98
CA ILE A 251 -16.25 3.50 8.03
CA ILE A 251 -16.23 3.48 8.02
C ILE A 251 -17.18 2.46 7.41
N GLY A 252 -18.08 2.93 6.56
CA GLY A 252 -19.05 2.06 5.89
C GLY A 252 -18.43 0.88 5.16
N ALA A 253 -17.37 1.14 4.40
CA ALA A 253 -16.68 0.11 3.65
C ALA A 253 -15.92 -0.83 4.58
N ALA A 254 -15.33 -0.27 5.62
CA ALA A 254 -14.66 -1.08 6.65
C ALA A 254 -15.63 -2.03 7.36
N ASP A 255 -16.80 -1.51 7.70
CA ASP A 255 -17.88 -2.31 8.30
C ASP A 255 -18.33 -3.45 7.41
N VAL A 256 -18.50 -3.18 6.13
CA VAL A 256 -18.86 -4.24 5.16
C VAL A 256 -17.84 -5.39 5.17
N ILE A 257 -16.55 -5.04 5.13
CA ILE A 257 -15.46 -6.01 5.16
C ILE A 257 -15.51 -6.84 6.45
N CYS A 258 -15.74 -6.17 7.58
CA CYS A 258 -15.83 -6.85 8.87
C CYS A 258 -16.99 -7.84 8.86
N LYS A 259 -18.15 -7.36 8.39
CA LYS A 259 -19.36 -8.17 8.29
C LYS A 259 -19.11 -9.49 7.55
N HIS A 260 -18.65 -9.40 6.30
CA HIS A 260 -18.31 -10.58 5.51
C HIS A 260 -17.19 -11.46 6.09
N ARG A 261 -16.14 -10.85 6.63
CA ARG A 261 -15.01 -11.64 7.17
C ARG A 261 -15.44 -12.55 8.31
N LYS A 262 -16.30 -12.00 9.17
CA LYS A 262 -16.93 -12.70 10.27
C LYS A 262 -17.57 -14.01 9.83
N GLU A 263 -18.23 -13.99 8.68
CA GLU A 263 -18.92 -15.18 8.17
C GLU A 263 -17.92 -16.10 7.48
N GLY A 264 -16.64 -15.70 7.47
CA GLY A 264 -15.56 -16.53 6.97
C GLY A 264 -15.17 -16.23 5.54
N VAL A 265 -15.72 -15.16 4.96
CA VAL A 265 -15.39 -14.78 3.57
C VAL A 265 -13.91 -14.39 3.49
N ARG A 266 -13.25 -14.80 2.41
CA ARG A 266 -11.82 -14.53 2.16
C ARG A 266 -11.61 -13.16 1.50
N VAL A 267 -11.67 -12.12 2.33
CA VAL A 267 -11.50 -10.74 1.89
C VAL A 267 -10.41 -10.07 2.76
N TYR A 268 -9.57 -9.28 2.10
CA TYR A 268 -8.54 -8.48 2.77
C TYR A 268 -8.81 -7.01 2.46
N GLY A 269 -8.35 -6.13 3.35
CA GLY A 269 -8.58 -4.71 3.22
C GLY A 269 -7.34 -3.90 3.52
N GLU A 270 -7.20 -2.80 2.79
CA GLU A 270 -6.01 -1.96 2.87
C GLU A 270 -6.38 -0.50 3.12
N PRO A 271 -6.27 -0.03 4.38
CA PRO A 271 -6.34 1.41 4.60
C PRO A 271 -5.07 2.05 4.08
N ILE A 272 -5.06 3.37 3.98
CA ILE A 272 -3.84 4.08 3.55
C ILE A 272 -3.50 5.18 4.53
N ALA A 273 -2.26 5.66 4.46
CA ALA A 273 -1.73 6.57 5.46
C ALA A 273 -2.59 7.83 5.59
N ALA A 274 -3.08 8.36 4.48
CA ALA A 274 -3.95 9.54 4.49
C ALA A 274 -5.24 9.32 5.28
N GLY A 275 -5.84 8.15 5.09
CA GLY A 275 -7.07 7.79 5.78
C GLY A 275 -6.83 7.59 7.27
N LEU A 276 -5.62 7.19 7.62
CA LEU A 276 -5.28 6.94 9.00
C LEU A 276 -4.78 8.20 9.71
N GLY A 277 -4.43 9.22 8.92
CA GLY A 277 -3.75 10.41 9.41
C GLY A 277 -4.47 11.74 9.31
N VAL A 278 -5.39 11.90 8.34
CA VAL A 278 -6.11 13.18 8.18
C VAL A 278 -7.57 12.99 7.79
N ASP A 279 -8.34 14.06 7.90
CA ASP A 279 -9.74 13.98 7.49
C ASP A 279 -10.02 14.91 6.32
N GLY A 280 -11.19 14.75 5.70
CA GLY A 280 -11.51 15.40 4.43
C GLY A 280 -12.00 16.83 4.54
N SER A 281 -12.04 17.37 5.76
CA SER A 281 -12.40 18.77 5.99
C SER A 281 -11.40 19.75 5.35
N HIS A 282 -10.21 19.28 4.97
CA HIS A 282 -9.26 20.10 4.22
C HIS A 282 -9.73 20.44 2.79
N MET A 283 -10.68 19.68 2.25
CA MET A 283 -11.30 19.99 0.95
C MET A 283 -12.24 21.20 1.00
N TRP A 284 -12.65 21.60 2.22
CA TRP A 284 -13.44 22.81 2.43
C TRP A 284 -12.58 24.02 2.81
N ASN A 285 -11.26 23.88 2.76
CA ASN A 285 -10.36 25.01 3.04
C ASN A 285 -10.62 26.17 2.07
N HIS A 286 -10.67 27.38 2.57
CA HIS A 286 -10.92 28.55 1.73
C HIS A 286 -9.83 28.76 0.67
N ASP A 287 -8.62 28.31 0.93
CA ASP A 287 -7.57 28.33 -0.07
C ASP A 287 -7.75 27.18 -1.08
N TRP A 288 -7.93 27.51 -2.37
CA TRP A 288 -8.12 26.50 -3.41
C TRP A 288 -6.95 25.52 -3.49
N ARG A 289 -5.73 26.04 -3.42
CA ARG A 289 -4.54 25.21 -3.56
C ARG A 289 -4.50 24.13 -2.47
N HIS A 290 -4.73 24.56 -1.24
CA HIS A 290 -4.70 23.66 -0.09
C HIS A 290 -5.79 22.60 -0.24
N ALA A 291 -6.99 23.05 -0.59
CA ALA A 291 -8.13 22.16 -0.79
C ALA A 291 -7.90 21.10 -1.86
N ALA A 292 -7.51 21.54 -3.05
CA ALA A 292 -7.21 20.66 -4.19
C ALA A 292 -6.07 19.65 -3.93
N ALA A 293 -5.14 20.01 -3.04
CA ALA A 293 -4.02 19.15 -2.70
C ALA A 293 -4.40 17.86 -1.96
N PHE A 294 -5.59 17.81 -1.36
CA PHE A 294 -6.02 16.63 -0.62
C PHE A 294 -6.95 15.75 -1.45
N VAL A 295 -7.19 16.14 -2.70
CA VAL A 295 -8.07 15.41 -3.60
C VAL A 295 -7.41 14.10 -4.07
N MET A 296 -8.14 13.02 -3.86
CA MET A 296 -7.78 11.70 -4.35
C MET A 296 -9.08 10.90 -4.43
N GLY A 297 -9.01 9.67 -4.93
CA GLY A 297 -10.19 8.84 -5.08
C GLY A 297 -9.95 7.42 -4.58
N PRO A 298 -10.85 6.92 -3.71
CA PRO A 298 -11.96 7.63 -3.10
C PRO A 298 -11.49 8.80 -2.25
N PRO A 299 -12.36 9.81 -2.03
CA PRO A 299 -11.93 10.94 -1.22
C PRO A 299 -11.64 10.57 0.23
N ILE A 300 -10.76 11.37 0.85
CA ILE A 300 -10.58 11.36 2.31
C ILE A 300 -11.88 11.87 2.94
N ARG A 301 -12.35 11.17 3.98
CA ARG A 301 -13.72 11.37 4.45
C ARG A 301 -13.79 12.49 5.48
N PRO A 302 -14.81 13.36 5.36
CA PRO A 302 -14.96 14.44 6.32
C PRO A 302 -15.50 14.03 7.68
N ASP A 303 -16.14 12.86 7.81
CA ASP A 303 -16.52 12.32 9.13
C ASP A 303 -15.30 12.20 10.04
N PRO A 304 -15.24 12.99 11.15
CA PRO A 304 -14.09 13.05 12.07
C PRO A 304 -13.72 11.74 12.75
N ARG A 305 -14.70 10.86 12.99
CA ARG A 305 -14.36 9.61 13.68
CA ARG A 305 -14.49 9.56 13.64
C ARG A 305 -13.74 8.56 12.76
N THR A 306 -13.59 8.88 11.49
CA THR A 306 -13.12 7.95 10.49
C THR A 306 -11.77 7.29 10.74
N LYS A 307 -10.74 8.10 10.99
CA LYS A 307 -9.39 7.55 11.07
C LYS A 307 -9.18 6.66 12.29
N GLY A 308 -9.83 7.02 13.39
CA GLY A 308 -9.80 6.21 14.61
C GLY A 308 -10.45 4.84 14.40
N VAL A 309 -11.57 4.83 13.70
CA VAL A 309 -12.29 3.58 13.42
C VAL A 309 -11.54 2.69 12.43
N LEU A 310 -10.93 3.30 11.43
CA LEU A 310 -10.03 2.57 10.52
C LEU A 310 -8.88 1.90 11.29
N MET A 311 -8.31 2.59 12.28
CA MET A 311 -7.22 2.04 13.09
C MET A 311 -7.71 0.93 14.04
N ASP A 312 -8.89 1.11 14.62
CA ASP A 312 -9.55 0.02 15.37
C ASP A 312 -9.65 -1.28 14.57
N TYR A 313 -10.14 -1.17 13.34
CA TYR A 313 -10.27 -2.36 12.47
C TYR A 313 -8.91 -2.95 12.12
N LEU A 314 -7.95 -2.05 11.90
CA LEU A 314 -6.59 -2.44 11.60
C LEU A 314 -6.02 -3.24 12.75
N ALA A 315 -6.13 -2.71 13.97
CA ALA A 315 -5.69 -3.40 15.18
C ALA A 315 -6.32 -4.79 15.32
N ARG A 316 -7.61 -4.91 14.98
CA ARG A 316 -8.33 -6.18 15.04
C ARG A 316 -7.93 -7.18 13.97
N GLY A 317 -7.33 -6.70 12.89
CA GLY A 317 -7.02 -7.54 11.76
C GLY A 317 -8.17 -7.69 10.77
N ASP A 318 -9.20 -6.85 10.93
CA ASP A 318 -10.29 -6.78 9.96
C ASP A 318 -9.86 -5.95 8.78
N LEU A 319 -8.87 -5.09 9.00
CA LEU A 319 -8.06 -4.49 7.94
C LEU A 319 -6.65 -5.02 8.15
N ASP A 320 -5.92 -5.23 7.06
CA ASP A 320 -4.73 -6.06 7.15
C ASP A 320 -3.45 -5.26 7.19
N CYS A 321 -3.26 -4.38 6.22
CA CYS A 321 -1.99 -3.69 6.03
C CYS A 321 -2.17 -2.30 5.43
N VAL A 322 -1.20 -1.43 5.63
CA VAL A 322 -1.29 -0.02 5.22
C VAL A 322 -0.47 0.26 3.96
N GLY A 323 -1.12 0.82 2.94
CA GLY A 323 -0.44 1.36 1.76
C GLY A 323 -0.45 2.89 1.84
N THR A 324 -0.04 3.54 0.76
CA THR A 324 -0.05 5.01 0.69
CA THR A 324 -0.09 5.01 0.71
C THR A 324 -0.91 5.57 -0.44
N ASP A 325 -1.04 4.83 -1.53
CA ASP A 325 -1.63 5.36 -2.75
C ASP A 325 -0.83 6.59 -3.20
N ASN A 326 0.49 6.49 -3.10
CA ASN A 326 1.37 7.64 -3.30
C ASN A 326 1.31 8.05 -4.75
N CYS A 327 0.65 9.17 -5.00
CA CYS A 327 0.36 9.61 -6.36
C CYS A 327 0.43 11.13 -6.45
N THR A 328 1.64 11.67 -6.45
CA THR A 328 1.84 13.07 -6.16
C THR A 328 1.91 13.98 -7.40
N PHE A 329 1.26 15.13 -7.28
CA PHE A 329 1.26 16.18 -8.29
C PHE A 329 1.54 17.54 -7.65
N CYS A 330 2.24 18.42 -8.37
CA CYS A 330 2.56 19.77 -7.91
CA CYS A 330 2.54 19.75 -7.85
C CYS A 330 1.39 20.74 -8.05
N ALA A 331 1.51 21.90 -7.42
CA ALA A 331 0.50 22.95 -7.50
C ALA A 331 0.07 23.20 -8.93
N ASP A 332 1.04 23.36 -9.83
CA ASP A 332 0.71 23.64 -11.23
C ASP A 332 -0.13 22.54 -11.87
N GLN A 333 0.21 21.29 -11.60
CA GLN A 333 -0.59 20.17 -12.10
C GLN A 333 -1.98 20.17 -11.48
N LYS A 334 -2.05 20.27 -10.15
CA LYS A 334 -3.34 20.36 -9.47
C LYS A 334 -4.24 21.45 -10.09
N ALA A 335 -3.64 22.60 -10.43
CA ALA A 335 -4.39 23.76 -10.99
C ALA A 335 -5.07 23.53 -12.35
N MET A 336 -4.73 22.43 -13.04
CA MET A 336 -5.51 21.96 -14.19
C MET A 336 -7.03 21.90 -13.94
N GLY A 337 -7.44 21.67 -12.69
CA GLY A 337 -8.86 21.58 -12.35
C GLY A 337 -9.41 22.78 -11.60
N LYS A 338 -8.81 23.96 -11.78
CA LYS A 338 -9.16 25.14 -10.99
C LYS A 338 -10.61 25.61 -11.12
N ASP A 339 -11.23 25.35 -12.27
CA ASP A 339 -12.66 25.62 -12.47
C ASP A 339 -13.50 24.32 -12.56
N ASP A 340 -12.91 23.16 -12.23
CA ASP A 340 -13.59 21.86 -12.41
C ASP A 340 -12.89 20.75 -11.60
N PHE A 341 -13.50 20.35 -10.49
CA PHE A 341 -12.86 19.40 -9.57
C PHE A 341 -12.56 18.05 -10.25
N THR A 342 -13.32 17.72 -11.29
CA THR A 342 -13.15 16.47 -12.04
C THR A 342 -11.86 16.41 -12.83
N LYS A 343 -11.21 17.56 -13.02
CA LYS A 343 -9.96 17.64 -13.75
C LYS A 343 -8.75 17.87 -12.85
N ILE A 344 -8.99 18.00 -11.55
CA ILE A 344 -7.92 17.94 -10.57
C ILE A 344 -7.29 16.54 -10.61
N PRO A 345 -5.98 16.43 -10.94
CA PRO A 345 -5.32 15.12 -10.86
C PRO A 345 -5.42 14.53 -9.47
N ASN A 346 -5.97 13.32 -9.39
CA ASN A 346 -6.27 12.68 -8.12
C ASN A 346 -5.01 12.07 -7.52
N GLY A 347 -4.75 12.38 -6.27
CA GLY A 347 -3.66 11.74 -5.53
C GLY A 347 -2.98 12.61 -4.49
N VAL A 348 -2.51 11.95 -3.43
CA VAL A 348 -1.75 12.60 -2.36
C VAL A 348 -0.42 11.88 -2.08
N ASN A 349 0.37 12.43 -1.16
CA ASN A 349 1.61 11.81 -0.71
C ASN A 349 1.40 10.84 0.45
N GLY A 350 2.40 9.99 0.67
CA GLY A 350 2.46 9.25 1.92
C GLY A 350 3.61 8.28 2.11
N VAL A 351 4.35 7.97 1.06
CA VAL A 351 5.39 6.94 1.14
C VAL A 351 6.38 7.19 2.29
N GLU A 352 6.79 8.45 2.48
CA GLU A 352 7.74 8.78 3.53
C GLU A 352 7.11 8.68 4.93
N ASP A 353 5.91 9.21 5.08
CA ASP A 353 5.34 9.41 6.40
C ASP A 353 4.42 8.31 6.91
N ARG A 354 4.15 7.30 6.08
CA ARG A 354 3.21 6.21 6.43
C ARG A 354 3.48 5.65 7.81
N MET A 355 4.70 5.20 8.05
CA MET A 355 5.00 4.50 9.29
C MET A 355 4.93 5.34 10.56
N SER A 356 5.36 6.59 10.48
CA SER A 356 5.29 7.49 11.63
CA SER A 356 5.29 7.50 11.62
C SER A 356 3.85 7.90 11.89
N ILE A 357 3.08 8.09 10.81
CA ILE A 357 1.66 8.35 10.94
C ILE A 357 0.92 7.15 11.56
N VAL A 358 1.26 5.94 11.12
CA VAL A 358 0.63 4.76 11.70
C VAL A 358 1.07 4.66 13.16
N TRP A 359 2.35 4.89 13.42
CA TRP A 359 2.87 4.87 14.79
C TRP A 359 2.15 5.85 15.72
N GLU A 360 2.07 7.10 15.28
CA GLU A 360 1.46 8.17 16.09
C GLU A 360 -0.03 7.90 16.39
N ASN A 361 -0.76 7.52 15.36
CA ASN A 361 -2.20 7.27 15.50
C ASN A 361 -2.60 5.88 16.01
N GLY A 362 -1.66 4.93 15.96
CA GLY A 362 -1.91 3.57 16.37
C GLY A 362 -1.27 3.25 17.71
N VAL A 363 0.05 3.40 17.76
CA VAL A 363 0.78 3.05 18.96
C VAL A 363 0.52 4.07 20.08
N ASN A 364 0.73 5.35 19.79
CA ASN A 364 0.67 6.38 20.84
C ASN A 364 -0.73 6.66 21.35
N THR A 365 -1.74 6.19 20.62
CA THR A 365 -3.12 6.18 21.12
C THR A 365 -3.47 4.96 21.98
N GLY A 366 -2.57 3.97 22.03
CA GLY A 366 -2.85 2.72 22.73
C GLY A 366 -3.60 1.71 21.87
N LYS A 367 -3.86 2.07 20.62
CA LYS A 367 -4.65 1.25 19.71
C LYS A 367 -3.87 0.06 19.20
N LEU A 368 -2.58 0.22 18.97
CA LEU A 368 -1.71 -0.85 18.49
C LEU A 368 -0.55 -1.08 19.43
N THR A 369 -0.24 -2.35 19.67
CA THR A 369 1.03 -2.72 20.28
C THR A 369 2.15 -2.63 19.24
N TRP A 370 3.39 -2.78 19.70
CA TRP A 370 4.57 -2.80 18.82
C TRP A 370 4.49 -3.92 17.77
N CYS A 371 4.15 -5.13 18.21
CA CYS A 371 4.00 -6.29 17.30
C CYS A 371 2.88 -6.10 16.26
N GLN A 372 1.74 -5.55 16.69
CA GLN A 372 0.66 -5.27 15.75
C GLN A 372 1.04 -4.17 14.75
N PHE A 373 1.97 -3.30 15.15
CA PHE A 373 2.49 -2.29 14.22
C PHE A 373 3.35 -2.93 13.12
N VAL A 374 4.18 -3.89 13.48
CA VAL A 374 4.97 -4.58 12.48
C VAL A 374 4.08 -5.40 11.52
N ARG A 375 3.07 -6.09 12.06
CA ARG A 375 2.09 -6.78 11.22
C ARG A 375 1.45 -5.83 10.22
N ALA A 376 0.90 -4.73 10.73
CA ALA A 376 0.25 -3.70 9.91
C ALA A 376 1.14 -2.99 8.85
N THR A 377 2.46 -2.95 9.06
CA THR A 377 3.36 -2.23 8.16
C THR A 377 4.33 -3.07 7.32
N SER A 378 4.49 -4.36 7.62
CA SER A 378 5.34 -5.23 6.80
C SER A 378 4.87 -6.68 6.70
N SER A 379 4.76 -7.35 7.83
CA SER A 379 4.69 -8.81 7.86
C SER A 379 3.43 -9.38 7.19
N GLU A 380 2.29 -8.70 7.36
CA GLU A 380 1.04 -9.18 6.78
C GLU A 380 0.97 -8.92 5.27
N ARG A 381 1.45 -7.75 4.85
CA ARG A 381 1.58 -7.47 3.44
C ARG A 381 2.40 -8.55 2.75
N ALA A 382 3.53 -8.93 3.37
CA ALA A 382 4.47 -9.91 2.83
C ALA A 382 3.80 -11.27 2.63
N ARG A 383 3.05 -11.71 3.62
CA ARG A 383 2.32 -12.96 3.55
C ARG A 383 1.21 -12.90 2.49
N ILE A 384 0.50 -11.77 2.42
CA ILE A 384 -0.59 -11.62 1.47
C ILE A 384 -0.09 -11.65 0.02
N PHE A 385 1.03 -10.99 -0.25
CA PHE A 385 1.60 -10.95 -1.60
C PHE A 385 2.74 -11.97 -1.78
N ASN A 386 2.85 -12.88 -0.84
CA ASN A 386 3.71 -14.08 -0.97
C ASN A 386 5.19 -13.81 -1.12
N ILE A 387 5.72 -12.98 -0.23
CA ILE A 387 7.15 -12.68 -0.18
C ILE A 387 7.66 -12.76 1.27
N TYR A 388 6.90 -13.48 2.10
CA TYR A 388 7.27 -13.81 3.48
C TYR A 388 7.91 -15.21 3.50
N PRO A 389 8.97 -15.40 4.33
CA PRO A 389 9.55 -14.46 5.27
C PRO A 389 10.81 -13.77 4.73
N ARG A 390 11.09 -13.87 3.43
CA ARG A 390 12.16 -13.09 2.80
C ARG A 390 12.04 -11.61 3.15
N LYS A 391 10.81 -11.10 3.04
CA LYS A 391 10.46 -9.75 3.51
C LYS A 391 9.54 -9.84 4.73
N GLY A 392 9.51 -8.78 5.53
CA GLY A 392 8.64 -8.71 6.70
C GLY A 392 8.98 -9.60 7.89
N ARG A 393 10.24 -10.03 8.00
CA ARG A 393 10.66 -10.78 9.18
C ARG A 393 12.16 -10.69 9.43
N ILE A 394 12.51 -10.46 10.69
CA ILE A 394 13.88 -10.57 11.16
C ILE A 394 14.08 -11.99 11.72
N ASP A 395 14.65 -12.84 10.88
CA ASP A 395 14.98 -14.22 11.21
C ASP A 395 16.19 -14.55 10.40
N VAL A 396 16.94 -15.58 10.82
CA VAL A 396 18.08 -16.06 10.04
C VAL A 396 17.56 -16.49 8.66
N GLY A 397 18.30 -16.13 7.61
CA GLY A 397 17.97 -16.51 6.24
C GLY A 397 17.18 -15.44 5.50
N CYS A 398 16.64 -14.49 6.25
CA CYS A 398 15.77 -13.45 5.69
C CYS A 398 16.57 -12.24 5.25
N ASP A 399 15.97 -11.43 4.39
CA ASP A 399 16.68 -10.29 3.82
C ASP A 399 17.02 -9.27 4.90
N GLY A 400 18.26 -8.77 4.83
CA GLY A 400 18.76 -7.80 5.77
C GLY A 400 18.28 -6.39 5.48
N ASP A 401 16.95 -6.25 5.37
CA ASP A 401 16.26 -4.95 5.32
C ASP A 401 15.68 -4.65 6.71
N ILE A 402 16.26 -3.70 7.41
CA ILE A 402 15.92 -3.43 8.81
C ILE A 402 15.82 -1.92 9.11
N VAL A 403 14.85 -1.55 9.94
CA VAL A 403 14.69 -0.17 10.37
C VAL A 403 14.99 -0.03 11.85
N ILE A 404 15.90 0.89 12.17
CA ILE A 404 16.15 1.29 13.53
C ILE A 404 15.18 2.42 13.88
N TRP A 405 14.22 2.08 14.73
CA TRP A 405 13.09 2.92 15.05
C TRP A 405 13.32 3.55 16.42
N ASP A 406 13.12 4.86 16.55
CA ASP A 406 13.21 5.50 17.87
C ASP A 406 11.83 5.90 18.33
N PRO A 407 11.23 5.13 19.26
CA PRO A 407 9.86 5.41 19.69
C PRO A 407 9.70 6.72 20.49
N ASN A 408 10.84 7.35 20.80
CA ASN A 408 10.89 8.50 21.67
C ASN A 408 11.36 9.78 20.99
N GLN A 409 11.82 9.70 19.74
CA GLN A 409 12.20 10.91 19.02
CA GLN A 409 12.21 10.89 19.00
C GLN A 409 10.97 11.54 18.37
N SER A 410 10.85 12.85 18.54
CA SER A 410 9.74 13.59 17.96
C SER A 410 10.16 14.31 16.70
N LYS A 411 9.13 14.66 15.93
CA LYS A 411 9.29 15.39 14.69
C LYS A 411 7.95 16.00 14.34
N THR A 412 7.98 17.21 13.78
CA THR A 412 6.82 17.77 13.10
C THR A 412 7.06 17.60 11.61
N ILE A 413 6.08 17.03 10.92
CA ILE A 413 6.19 16.78 9.48
C ILE A 413 5.94 18.07 8.70
N SER A 414 6.78 18.31 7.70
CA SER A 414 6.64 19.50 6.87
CA SER A 414 6.69 19.53 6.88
C SER A 414 7.30 19.31 5.50
N LYS A 415 6.81 20.07 4.52
CA LYS A 415 7.37 20.07 3.16
C LYS A 415 8.80 20.64 3.15
N ASP A 416 9.05 21.51 4.13
CA ASP A 416 10.35 22.12 4.29
C ASP A 416 11.44 21.12 4.68
N THR A 417 11.05 19.94 5.16
CA THR A 417 12.03 18.91 5.50
C THR A 417 11.81 17.53 4.90
N HIS A 418 10.72 17.32 4.17
CA HIS A 418 10.46 15.99 3.59
C HIS A 418 11.38 15.74 2.40
N HIS A 419 11.32 14.52 1.89
CA HIS A 419 12.18 14.10 0.79
C HIS A 419 11.35 13.73 -0.45
N HIS A 420 10.10 14.16 -0.44
CA HIS A 420 9.26 14.08 -1.62
C HIS A 420 9.69 15.15 -2.62
N ALA A 421 9.47 14.89 -3.91
CA ALA A 421 9.75 15.89 -4.94
C ALA A 421 8.64 16.93 -5.04
N VAL A 422 7.49 16.64 -4.46
CA VAL A 422 6.37 17.59 -4.47
C VAL A 422 6.47 18.61 -3.36
N ASP A 423 5.97 19.81 -3.63
CA ASP A 423 6.14 20.96 -2.74
C ASP A 423 4.97 21.16 -1.77
N PHE A 424 4.35 20.05 -1.36
CA PHE A 424 3.22 20.07 -0.43
C PHE A 424 3.18 18.72 0.28
N ASN A 425 2.75 18.73 1.55
CA ASN A 425 2.55 17.53 2.37
C ASN A 425 1.19 17.61 3.08
N ILE A 426 0.39 16.55 2.96
CA ILE A 426 -0.93 16.51 3.58
C ILE A 426 -0.85 16.37 5.11
N PHE A 427 0.27 15.84 5.60
CA PHE A 427 0.54 15.71 7.03
C PHE A 427 1.30 16.93 7.59
N GLU A 428 1.29 18.05 6.87
CA GLU A 428 1.94 19.28 7.34
C GLU A 428 1.54 19.66 8.77
N GLY A 429 2.55 19.95 9.60
CA GLY A 429 2.34 20.41 10.97
C GLY A 429 1.99 19.33 11.97
N ILE A 430 1.88 18.07 11.53
CA ILE A 430 1.48 16.98 12.42
C ILE A 430 2.67 16.51 13.22
N LYS A 431 2.55 16.54 14.55
CA LYS A 431 3.64 16.11 15.41
C LYS A 431 3.52 14.62 15.65
N VAL A 432 4.61 13.92 15.39
CA VAL A 432 4.70 12.49 15.59
C VAL A 432 5.82 12.23 16.57
N THR A 433 5.68 11.17 17.36
CA THR A 433 6.73 10.72 18.27
C THR A 433 6.96 9.24 18.02
N GLY A 434 8.15 8.90 17.52
CA GLY A 434 8.44 7.58 16.95
C GLY A 434 8.76 7.68 15.47
N ILE A 435 10.05 7.67 15.13
CA ILE A 435 10.46 7.78 13.73
C ILE A 435 11.60 6.83 13.39
N ALA A 436 11.76 6.58 12.10
CA ALA A 436 12.90 5.85 11.58
C ALA A 436 14.15 6.72 11.64
N VAL A 437 15.18 6.28 12.36
CA VAL A 437 16.43 7.03 12.51
C VAL A 437 17.56 6.45 11.69
N THR A 438 17.48 5.15 11.40
CA THR A 438 18.36 4.49 10.44
C THR A 438 17.58 3.42 9.66
N THR A 439 17.75 3.41 8.34
CA THR A 439 17.17 2.38 7.48
C THR A 439 18.33 1.62 6.83
N ILE A 440 18.16 0.32 6.70
CA ILE A 440 19.16 -0.57 6.15
C ILE A 440 18.49 -1.45 5.09
N VAL A 441 19.00 -1.39 3.87
CA VAL A 441 18.52 -2.22 2.77
C VAL A 441 19.67 -3.10 2.30
N ALA A 442 19.43 -4.42 2.26
CA ALA A 442 20.41 -5.42 1.84
C ALA A 442 21.74 -5.25 2.55
N GLY A 443 21.67 -5.07 3.87
CA GLY A 443 22.84 -4.91 4.72
C GLY A 443 23.59 -3.59 4.60
N ASN A 444 23.03 -2.63 3.86
CA ASN A 444 23.67 -1.33 3.61
C ASN A 444 22.84 -0.20 4.19
N ILE A 445 23.51 0.76 4.82
CA ILE A 445 22.84 1.96 5.34
C ILE A 445 22.47 2.87 4.19
N VAL A 446 21.18 3.20 4.10
CA VAL A 446 20.66 4.10 3.06
C VAL A 446 20.02 5.36 3.67
N TRP A 447 19.73 5.32 4.97
CA TRP A 447 19.29 6.47 5.74
C TRP A 447 19.88 6.39 7.15
N SER A 448 20.49 7.48 7.58
CA SER A 448 21.09 7.58 8.91
C SER A 448 21.50 9.03 9.19
N ASP A 449 21.56 9.39 10.47
CA ASP A 449 21.97 10.74 10.90
C ASP A 449 21.22 11.83 10.12
N ASN A 450 19.92 11.59 9.89
CA ASN A 450 19.08 12.49 9.10
C ASN A 450 19.54 12.74 7.65
N LYS A 451 20.29 11.81 7.05
CA LYS A 451 20.79 11.98 5.68
CA LYS A 451 20.75 11.98 5.66
C LYS A 451 20.66 10.70 4.84
N LEU A 452 20.44 10.88 3.53
CA LEU A 452 20.33 9.74 2.60
C LEU A 452 21.71 9.35 2.08
N SER A 453 21.92 8.04 1.94
CA SER A 453 23.09 7.48 1.30
C SER A 453 22.63 6.32 0.40
N CYS A 454 21.71 6.64 -0.50
CA CYS A 454 21.17 5.65 -1.44
C CYS A 454 22.09 5.42 -2.61
N VAL A 455 21.88 4.30 -3.30
CA VAL A 455 22.47 4.06 -4.61
C VAL A 455 21.35 3.80 -5.65
N LYS A 456 21.23 4.71 -6.61
CA LYS A 456 20.22 4.63 -7.67
C LYS A 456 20.33 3.32 -8.47
N GLY A 457 19.22 2.60 -8.61
CA GLY A 457 19.21 1.30 -9.29
C GLY A 457 19.81 0.15 -8.50
N SER A 458 20.02 0.34 -7.19
CA SER A 458 20.46 -0.73 -6.29
C SER A 458 19.41 -1.78 -6.10
N GLY A 459 18.17 -1.32 -6.00
CA GLY A 459 17.05 -2.18 -5.70
C GLY A 459 16.81 -3.19 -6.78
N ARG A 460 16.24 -4.33 -6.39
CA ARG A 460 15.94 -5.40 -7.31
C ARG A 460 14.43 -5.66 -7.38
N PHE A 461 13.99 -6.16 -8.52
CA PHE A 461 12.63 -6.65 -8.67
C PHE A 461 12.56 -7.99 -7.94
N VAL A 462 11.50 -8.19 -7.16
CA VAL A 462 11.27 -9.42 -6.42
C VAL A 462 10.00 -10.11 -6.96
N PRO A 463 10.18 -11.31 -7.57
CA PRO A 463 9.03 -12.05 -8.07
C PRO A 463 8.16 -12.62 -6.96
N ARG A 464 6.88 -12.81 -7.25
CA ARG A 464 5.90 -13.24 -6.25
C ARG A 464 5.17 -14.47 -6.80
N PRO A 465 5.52 -15.67 -6.30
CA PRO A 465 4.85 -16.88 -6.78
C PRO A 465 3.34 -16.91 -6.56
N PRO A 466 2.62 -17.59 -7.47
CA PRO A 466 1.20 -17.76 -7.24
C PRO A 466 0.92 -18.79 -6.14
N PHE A 467 -0.36 -18.89 -5.78
CA PHE A 467 -0.87 -19.83 -4.78
C PHE A 467 -0.20 -19.70 -3.40
N GLY A 468 -0.06 -18.46 -2.96
CA GLY A 468 0.44 -18.15 -1.64
C GLY A 468 -0.60 -18.31 -0.56
N PRO A 469 -0.25 -17.92 0.67
CA PRO A 469 -1.11 -17.99 1.85
C PRO A 469 -2.57 -17.59 1.64
N VAL A 470 -2.84 -16.63 0.74
CA VAL A 470 -4.20 -16.18 0.53
C VAL A 470 -5.08 -17.28 -0.09
N PHE A 471 -4.46 -18.34 -0.59
CA PHE A 471 -5.14 -19.51 -1.15
C PHE A 471 -5.17 -20.71 -0.22
N ASP A 472 -4.67 -20.57 1.00
CA ASP A 472 -4.75 -21.67 1.98
C ASP A 472 -6.22 -21.86 2.36
N GLY A 473 -6.69 -23.11 2.37
CA GLY A 473 -8.08 -23.42 2.69
C GLY A 473 -9.05 -23.50 1.53
N ILE A 474 -8.70 -22.89 0.40
CA ILE A 474 -9.64 -22.74 -0.71
C ILE A 474 -9.94 -24.05 -1.45
N GLU A 475 -8.94 -24.91 -1.59
CA GLU A 475 -9.18 -26.22 -2.17
C GLU A 475 -10.25 -26.96 -1.34
N GLN A 476 -10.14 -26.91 -0.01
CA GLN A 476 -11.12 -27.56 0.86
C GLN A 476 -12.48 -26.88 0.79
N ARG A 477 -12.50 -25.54 0.76
CA ARG A 477 -13.74 -24.80 0.57
C ARG A 477 -14.45 -25.21 -0.72
N ASP A 478 -13.69 -25.33 -1.82
CA ASP A 478 -14.27 -25.74 -3.12
C ASP A 478 -14.92 -27.13 -2.98
N LYS A 479 -14.24 -28.03 -2.29
CA LYS A 479 -14.73 -29.37 -2.02
C LYS A 479 -16.08 -29.36 -1.29
N VAL A 480 -16.15 -28.65 -0.17
CA VAL A 480 -17.35 -28.66 0.67
C VAL A 480 -18.50 -27.85 0.08
N ARG A 481 -18.19 -26.87 -0.75
CA ARG A 481 -19.19 -26.08 -1.45
C ARG A 481 -19.67 -26.72 -2.75
N ASN A 482 -19.01 -27.80 -3.18
CA ASN A 482 -19.38 -28.53 -4.39
C ASN A 482 -20.90 -28.72 -4.47
N GLU A 483 -21.55 -28.13 -5.46
CA GLU A 483 -23.01 -28.22 -5.55
C GLU A 483 -23.50 -29.62 -5.93
N LEU A 484 -22.63 -30.47 -6.47
CA LEU A 484 -23.01 -31.86 -6.77
C LEU A 484 -23.29 -32.65 -5.50
N LEU A 485 -22.70 -32.21 -4.39
CA LEU A 485 -23.02 -32.78 -3.09
C LEU A 485 -24.46 -32.51 -2.68
N ARG A 486 -25.10 -31.53 -3.34
CA ARG A 486 -26.46 -31.10 -2.99
CA ARG A 486 -26.45 -31.11 -2.98
C ARG A 486 -27.46 -31.37 -4.12
N LYS A 487 -27.06 -32.14 -5.13
CA LYS A 487 -27.99 -32.53 -6.19
C LYS A 487 -28.89 -33.68 -5.68
N VAL A 488 -30.17 -33.61 -5.99
CA VAL A 488 -31.13 -34.64 -5.58
C VAL A 488 -31.15 -35.71 -6.64
N ASP A 489 -30.90 -36.95 -6.25
CA ASP A 489 -30.95 -38.06 -7.17
C ASP A 489 -32.39 -38.52 -7.29
N ARG A 490 -32.99 -38.21 -8.44
CA ARG A 490 -34.38 -38.54 -8.70
C ARG A 490 -34.42 -39.65 -9.75
#